data_2FYK
#
_entry.id   2FYK
#
_cell.length_a   38.298
_cell.length_b   82.741
_cell.length_c   72.653
_cell.angle_alpha   90.00
_cell.angle_beta   101.77
_cell.angle_gamma   90.00
#
_symmetry.space_group_name_H-M   'P 1 21 1'
#
loop_
_entity.id
_entity.type
_entity.pdbx_description
1 polymer 'biotin--protein ligase'
2 non-polymer "ADENOSINE-5'-DIPHOSPHATE"
3 non-polymer BIOTIN
4 water water
#
_entity_poly.entity_id   1
_entity_poly.type   'polypeptide(L)'
_entity_poly.pdbx_seq_one_letter_code
;(MSE)LGLKTSIIGRRVIYFQEITSTNEFAKTSYLEEGTVIVADKQT(MSE)GHGRLNRKWESPEGGLWLSIVLSPKVPQ
KDLPKIVFLGAVGVVETLKEFSIDGRIKWPNDVLVNYKKIAGVLVEGKGDKIVLGIGLNVNNKVPNGATS(MSE)KLELG
SEVPLLSVFRSLITNLDRLYLNFLKNP(MSE)DILNLVRDN(MSE)ILGVRVKILGDGSFEGIAEDIDDFGRLIIRLDSG
EVKKVIYGDVSLRFL
;
_entity_poly.pdbx_strand_id   A,B
#
loop_
_chem_comp.id
_chem_comp.type
_chem_comp.name
_chem_comp.formula
ADP non-polymer ADENOSINE-5'-DIPHOSPHATE 'C10 H15 N5 O10 P2'
BTN non-polymer BIOTIN 'C10 H16 N2 O3 S'
#
# COMPACT_ATOMS: atom_id res chain seq x y z
N MSE A 1 -4.13 6.09 -2.43
CA MSE A 1 -5.37 6.09 -1.66
C MSE A 1 -5.11 6.34 -0.18
O MSE A 1 -5.97 6.73 0.60
CB MSE A 1 -6.07 4.74 -1.87
CG MSE A 1 -5.61 3.69 -0.85
SE MSE A 1 -4.15 2.80 -1.41
CE MSE A 1 -4.53 1.22 -0.63
N LEU A 2 -3.85 6.04 0.23
CA LEU A 2 -3.49 6.21 1.64
C LEU A 2 -3.35 7.68 2.04
N GLY A 3 -2.96 8.51 1.06
CA GLY A 3 -2.83 9.96 1.32
C GLY A 3 -1.77 10.24 2.40
N LEU A 4 -0.66 9.53 2.37
CA LEU A 4 0.42 9.79 3.32
C LEU A 4 1.00 11.17 2.98
N LYS A 5 1.39 11.91 4.01
CA LYS A 5 1.92 13.26 3.83
C LYS A 5 3.38 13.41 4.26
N THR A 6 4.05 12.28 4.40
CA THR A 6 5.46 12.25 4.80
C THR A 6 6.36 12.71 3.66
N SER A 7 7.58 13.15 4.00
CA SER A 7 8.52 13.63 2.98
C SER A 7 9.34 12.53 2.31
N ILE A 8 9.87 11.61 3.10
CA ILE A 8 10.69 10.54 2.56
C ILE A 8 10.14 9.15 2.88
N ILE A 9 10.02 8.84 4.16
CA ILE A 9 9.51 7.53 4.55
C ILE A 9 8.02 7.44 4.26
N GLY A 10 7.67 6.57 3.32
CA GLY A 10 6.28 6.41 2.95
C GLY A 10 5.96 7.02 1.59
N ARG A 11 6.99 7.44 0.86
CA ARG A 11 6.77 8.00 -0.48
C ARG A 11 6.09 6.91 -1.31
N ARG A 12 6.48 5.68 -1.05
CA ARG A 12 5.92 4.51 -1.70
C ARG A 12 5.79 3.44 -0.64
N VAL A 13 4.77 2.60 -0.78
CA VAL A 13 4.54 1.52 0.17
C VAL A 13 4.16 0.29 -0.62
N ILE A 14 4.85 -0.82 -0.37
CA ILE A 14 4.52 -2.07 -1.05
C ILE A 14 3.93 -2.99 0.01
N TYR A 15 2.65 -3.28 -0.16
CA TYR A 15 1.91 -4.14 0.76
C TYR A 15 1.76 -5.55 0.22
N PHE A 16 1.93 -6.54 1.10
CA PHE A 16 1.80 -7.95 0.75
C PHE A 16 0.83 -8.64 1.71
N GLN A 17 -0.02 -9.52 1.17
CA GLN A 17 -0.91 -10.28 2.06
C GLN A 17 0.02 -11.22 2.83
N GLU A 18 1.07 -11.69 2.16
CA GLU A 18 2.04 -12.60 2.78
C GLU A 18 3.40 -12.47 2.11
N ILE A 19 4.46 -12.64 2.88
CA ILE A 19 5.81 -12.51 2.36
C ILE A 19 6.73 -13.39 3.21
N THR A 20 7.91 -13.68 2.71
CA THR A 20 8.88 -14.46 3.47
C THR A 20 9.37 -13.56 4.60
N SER A 21 9.94 -12.42 4.23
CA SER A 21 10.45 -11.45 5.19
C SER A 21 10.55 -10.10 4.51
N THR A 22 10.00 -9.06 5.14
CA THR A 22 10.05 -7.73 4.56
C THR A 22 11.51 -7.24 4.49
N ASN A 23 12.33 -7.64 5.46
CA ASN A 23 13.73 -7.22 5.45
C ASN A 23 14.46 -7.85 4.28
N GLU A 24 14.21 -9.13 4.04
CA GLU A 24 14.86 -9.82 2.93
C GLU A 24 14.42 -9.23 1.59
N PHE A 25 13.13 -8.95 1.45
CA PHE A 25 12.61 -8.39 0.21
C PHE A 25 13.24 -7.01 -0.02
N ALA A 26 13.30 -6.21 1.04
CA ALA A 26 13.87 -4.87 0.94
C ALA A 26 15.36 -4.86 0.59
N LYS A 27 16.12 -5.78 1.17
CA LYS A 27 17.56 -5.87 0.91
C LYS A 27 17.83 -6.31 -0.52
N THR A 28 17.05 -7.28 -0.98
CA THR A 28 17.22 -7.87 -2.30
C THR A 28 16.71 -7.06 -3.49
N SER A 29 15.54 -6.46 -3.34
CA SER A 29 14.93 -5.72 -4.43
C SER A 29 15.49 -4.32 -4.71
N TYR A 30 15.28 -3.85 -5.93
CA TYR A 30 15.72 -2.52 -6.34
C TYR A 30 14.59 -1.59 -5.92
N LEU A 31 14.83 -0.84 -4.84
CA LEU A 31 13.82 0.07 -4.29
C LEU A 31 14.39 1.46 -3.99
N GLU A 32 13.54 2.47 -4.11
CA GLU A 32 13.94 3.85 -3.84
C GLU A 32 13.92 4.15 -2.34
N GLU A 33 14.69 5.15 -1.94
CA GLU A 33 14.74 5.52 -0.53
C GLU A 33 13.35 5.93 -0.04
N GLY A 34 13.02 5.50 1.17
CA GLY A 34 11.74 5.83 1.75
C GLY A 34 10.66 4.80 1.49
N THR A 35 10.94 3.84 0.61
CA THR A 35 9.93 2.83 0.33
C THR A 35 9.74 1.94 1.55
N VAL A 36 8.47 1.71 1.89
CA VAL A 36 8.10 0.87 3.02
C VAL A 36 7.56 -0.45 2.49
N ILE A 37 8.07 -1.56 3.03
CA ILE A 37 7.64 -2.90 2.66
C ILE A 37 6.87 -3.40 3.87
N VAL A 38 5.59 -3.72 3.69
CA VAL A 38 4.77 -4.17 4.81
C VAL A 38 3.92 -5.38 4.43
N ALA A 39 3.76 -6.31 5.36
CA ALA A 39 2.98 -7.51 5.07
C ALA A 39 2.07 -7.91 6.22
N ASP A 40 0.93 -8.52 5.89
CA ASP A 40 0.01 -8.94 6.95
C ASP A 40 0.68 -10.01 7.79
N LYS A 41 1.46 -10.87 7.14
CA LYS A 41 2.16 -11.92 7.84
C LYS A 41 3.45 -12.30 7.11
N GLN A 42 4.41 -12.83 7.86
CA GLN A 42 5.67 -13.25 7.30
C GLN A 42 5.82 -14.74 7.58
N THR A 43 6.33 -15.48 6.60
CA THR A 43 6.52 -16.91 6.77
C THR A 43 7.94 -17.21 7.26
N MSE A 44 8.85 -16.27 7.04
CA MSE A 44 10.25 -16.44 7.43
C MSE A 44 10.79 -15.18 8.08
O MSE A 44 11.90 -14.74 7.76
CB MSE A 44 11.10 -16.80 6.22
CG MSE A 44 10.51 -17.87 5.32
SE MSE A 44 11.74 -18.51 3.98
CE MSE A 44 13.16 -19.13 5.14
N GLY A 45 10.03 -14.60 9.00
CA GLY A 45 10.50 -13.40 9.67
C GLY A 45 11.67 -13.76 10.56
N HIS A 46 12.61 -12.84 10.72
CA HIS A 46 13.75 -13.12 11.59
C HIS A 46 14.28 -11.93 12.34
N GLY A 47 15.05 -12.22 13.38
CA GLY A 47 15.69 -11.20 14.18
C GLY A 47 17.16 -11.33 13.84
N ARG A 48 18.04 -11.17 14.82
CA ARG A 48 19.47 -11.31 14.55
C ARG A 48 19.83 -12.79 14.42
N LEU A 49 20.99 -13.06 13.84
CA LEU A 49 21.46 -14.44 13.66
C LEU A 49 20.41 -15.38 13.11
N ASN A 50 19.52 -14.85 12.28
CA ASN A 50 18.45 -15.62 11.65
C ASN A 50 17.49 -16.27 12.65
N ARG A 51 17.36 -15.68 13.83
CA ARG A 51 16.45 -16.21 14.85
C ARG A 51 15.03 -15.95 14.37
N LYS A 52 14.14 -16.91 14.62
CA LYS A 52 12.74 -16.81 14.19
C LYS A 52 11.96 -15.68 14.85
N TRP A 53 11.30 -14.86 14.04
CA TRP A 53 10.45 -13.79 14.55
C TRP A 53 9.04 -14.15 14.14
N GLU A 54 8.21 -14.49 15.12
CA GLU A 54 6.82 -14.88 14.86
C GLU A 54 6.08 -13.69 14.26
N SER A 55 5.53 -13.88 13.06
CA SER A 55 4.84 -12.81 12.36
C SER A 55 3.43 -13.16 11.89
N PRO A 56 2.53 -13.47 12.82
CA PRO A 56 1.16 -13.82 12.44
C PRO A 56 0.32 -12.59 12.09
N GLU A 57 -0.84 -12.82 11.47
CA GLU A 57 -1.73 -11.72 11.12
C GLU A 57 -2.13 -11.00 12.41
N GLY A 58 -2.22 -9.68 12.32
CA GLY A 58 -2.60 -8.90 13.49
C GLY A 58 -1.49 -7.98 13.96
N GLY A 59 -0.26 -8.26 13.53
CA GLY A 59 0.86 -7.41 13.92
C GLY A 59 1.34 -6.51 12.80
N LEU A 60 2.27 -5.61 13.12
CA LEU A 60 2.82 -4.69 12.14
C LEU A 60 4.26 -5.13 11.82
N TRP A 61 4.43 -5.66 10.62
CA TRP A 61 5.73 -6.17 10.16
C TRP A 61 6.15 -5.36 8.94
N LEU A 62 7.15 -4.50 9.10
CA LEU A 62 7.57 -3.67 7.97
C LEU A 62 9.06 -3.40 7.92
N SER A 63 9.51 -2.95 6.75
CA SER A 63 10.90 -2.59 6.55
C SER A 63 10.94 -1.30 5.74
N ILE A 64 11.93 -0.47 6.00
CA ILE A 64 12.06 0.80 5.31
C ILE A 64 13.44 0.90 4.65
N VAL A 65 13.46 1.27 3.38
CA VAL A 65 14.72 1.44 2.66
C VAL A 65 15.24 2.85 2.90
N LEU A 66 16.48 2.95 3.38
CA LEU A 66 17.09 4.24 3.65
C LEU A 66 18.46 4.34 3.00
N SER A 67 18.88 5.55 2.68
CA SER A 67 20.19 5.80 2.08
C SER A 67 20.68 7.08 2.75
N PRO A 68 20.85 7.04 4.08
CA PRO A 68 21.31 8.18 4.88
C PRO A 68 22.63 8.80 4.45
N LYS A 69 22.58 10.09 4.13
CA LYS A 69 23.76 10.81 3.73
C LYS A 69 24.35 11.48 4.97
N VAL A 70 24.96 10.67 5.82
CA VAL A 70 25.57 11.11 7.06
C VAL A 70 26.88 10.33 7.23
N PRO A 71 27.78 10.82 8.10
CA PRO A 71 29.05 10.13 8.33
C PRO A 71 28.86 8.66 8.71
N GLN A 72 29.83 7.82 8.34
CA GLN A 72 29.79 6.40 8.64
C GLN A 72 29.57 6.16 10.14
N LYS A 73 30.31 6.90 10.96
CA LYS A 73 30.22 6.77 12.41
C LYS A 73 28.82 6.99 12.98
N ASP A 74 27.93 7.57 12.17
CA ASP A 74 26.57 7.84 12.62
C ASP A 74 25.58 6.74 12.21
N LEU A 75 25.93 5.97 11.19
CA LEU A 75 25.07 4.91 10.70
C LEU A 75 24.54 3.94 11.76
N PRO A 76 25.35 3.61 12.78
CA PRO A 76 24.90 2.68 13.82
C PRO A 76 23.70 3.17 14.63
N LYS A 77 23.35 4.45 14.51
CA LYS A 77 22.22 5.02 15.24
C LYS A 77 20.87 4.82 14.58
N ILE A 78 20.86 4.25 13.37
CA ILE A 78 19.60 4.02 12.68
C ILE A 78 18.65 3.13 13.46
N VAL A 79 19.20 2.15 14.17
CA VAL A 79 18.37 1.25 14.98
C VAL A 79 17.58 2.07 16.00
N PHE A 80 18.22 3.10 16.55
CA PHE A 80 17.57 3.94 17.54
C PHE A 80 16.37 4.68 16.96
N LEU A 81 16.45 5.06 15.69
CA LEU A 81 15.33 5.76 15.06
C LEU A 81 14.10 4.85 15.12
N GLY A 82 14.31 3.57 14.84
CA GLY A 82 13.22 2.63 14.85
C GLY A 82 12.64 2.46 16.24
N ALA A 83 13.52 2.25 17.23
CA ALA A 83 13.08 2.08 18.61
C ALA A 83 12.31 3.29 19.13
N VAL A 84 12.85 4.48 18.91
CA VAL A 84 12.17 5.69 19.37
C VAL A 84 10.84 5.89 18.64
N GLY A 85 10.82 5.62 17.33
CA GLY A 85 9.58 5.78 16.59
C GLY A 85 8.48 4.90 17.18
N VAL A 86 8.84 3.66 17.53
CA VAL A 86 7.88 2.74 18.10
C VAL A 86 7.41 3.28 19.45
N VAL A 87 8.34 3.74 20.28
CA VAL A 87 7.97 4.26 21.58
C VAL A 87 7.02 5.46 21.45
N GLU A 88 7.29 6.36 20.51
CA GLU A 88 6.42 7.50 20.31
C GLU A 88 5.02 7.07 19.89
N THR A 89 4.94 6.08 19.00
CA THR A 89 3.65 5.60 18.56
C THR A 89 2.89 4.96 19.73
N LEU A 90 3.60 4.17 20.54
CA LEU A 90 2.96 3.53 21.69
C LEU A 90 2.40 4.58 22.65
N LYS A 91 3.16 5.64 22.88
CA LYS A 91 2.72 6.71 23.79
C LYS A 91 1.46 7.40 23.24
N GLU A 92 1.36 7.49 21.92
CA GLU A 92 0.19 8.11 21.30
C GLU A 92 -1.04 7.27 21.64
N PHE A 93 -0.84 5.97 21.80
CA PHE A 93 -1.92 5.06 22.14
C PHE A 93 -1.95 4.78 23.64
N SER A 94 -1.24 5.61 24.40
CA SER A 94 -1.16 5.52 25.85
C SER A 94 -0.57 4.22 26.41
N ILE A 95 0.43 3.68 25.70
CA ILE A 95 1.11 2.47 26.12
C ILE A 95 2.53 2.90 26.48
N ASP A 96 2.98 2.48 27.66
CA ASP A 96 4.29 2.86 28.15
C ASP A 96 5.45 2.00 27.64
N GLY A 97 5.87 2.26 26.41
CA GLY A 97 6.97 1.52 25.85
C GLY A 97 8.30 2.10 26.31
N ARG A 98 9.24 1.21 26.67
CA ARG A 98 10.56 1.60 27.13
C ARG A 98 11.59 0.84 26.30
N ILE A 99 12.72 1.47 26.01
CA ILE A 99 13.73 0.82 25.20
C ILE A 99 14.74 -0.03 25.94
N LYS A 100 14.89 -1.27 25.49
CA LYS A 100 15.88 -2.18 26.03
C LYS A 100 16.99 -2.08 24.99
N TRP A 101 18.10 -1.45 25.38
CA TRP A 101 19.23 -1.24 24.49
C TRP A 101 19.66 -2.49 23.71
N PRO A 102 19.82 -2.34 22.39
CA PRO A 102 19.62 -1.08 21.70
C PRO A 102 18.48 -1.17 20.69
N ASN A 103 17.88 -2.35 20.58
CA ASN A 103 16.86 -2.56 19.55
C ASN A 103 15.48 -3.04 19.96
N ASP A 104 15.24 -3.21 21.26
CA ASP A 104 13.94 -3.70 21.71
C ASP A 104 13.10 -2.69 22.45
N VAL A 105 11.79 -2.89 22.38
CA VAL A 105 10.87 -2.02 23.11
C VAL A 105 10.06 -2.94 24.01
N LEU A 106 10.05 -2.62 25.30
CA LEU A 106 9.31 -3.44 26.26
C LEU A 106 8.21 -2.65 26.93
N VAL A 107 7.23 -3.36 27.46
CA VAL A 107 6.14 -2.75 28.21
C VAL A 107 6.09 -3.65 29.43
N ASN A 108 6.42 -3.08 30.59
CA ASN A 108 6.47 -3.84 31.83
C ASN A 108 7.42 -5.02 31.67
N TYR A 109 8.53 -4.75 31.00
CA TYR A 109 9.58 -5.72 30.74
C TYR A 109 9.23 -6.88 29.81
N LYS A 110 8.11 -6.76 29.11
CA LYS A 110 7.70 -7.77 28.14
C LYS A 110 7.92 -7.16 26.75
N LYS A 111 8.54 -7.93 25.86
CA LYS A 111 8.86 -7.44 24.52
C LYS A 111 7.64 -7.24 23.63
N ILE A 112 7.43 -5.99 23.21
CA ILE A 112 6.29 -5.66 22.35
C ILE A 112 6.77 -5.37 20.93
N ALA A 113 8.06 -5.09 20.78
CA ALA A 113 8.60 -4.81 19.45
C ALA A 113 10.10 -5.03 19.37
N GLY A 114 10.57 -5.30 18.16
CA GLY A 114 11.99 -5.51 17.93
C GLY A 114 12.38 -4.81 16.65
N VAL A 115 13.60 -4.27 16.62
CA VAL A 115 14.09 -3.54 15.46
C VAL A 115 15.33 -4.25 14.92
N LEU A 116 15.40 -4.39 13.60
CA LEU A 116 16.52 -5.06 12.95
C LEU A 116 17.00 -4.24 11.76
N VAL A 117 18.22 -3.73 11.86
CA VAL A 117 18.80 -2.93 10.79
C VAL A 117 19.85 -3.76 10.06
N GLU A 118 19.75 -3.78 8.73
CA GLU A 118 20.69 -4.51 7.91
C GLU A 118 21.17 -3.59 6.79
N GLY A 119 22.46 -3.67 6.48
CA GLY A 119 23.00 -2.83 5.44
C GLY A 119 24.15 -3.48 4.71
N LYS A 120 24.26 -3.16 3.42
CA LYS A 120 25.34 -3.71 2.60
C LYS A 120 26.04 -2.58 1.85
N GLY A 121 26.24 -1.46 2.55
CA GLY A 121 26.90 -0.32 1.95
C GLY A 121 26.13 0.96 2.15
N ASP A 122 25.65 1.54 1.04
CA ASP A 122 24.89 2.78 1.08
C ASP A 122 23.42 2.52 1.38
N LYS A 123 22.95 1.33 1.06
CA LYS A 123 21.55 0.97 1.30
C LYS A 123 21.35 0.32 2.66
N ILE A 124 20.51 0.94 3.47
CA ILE A 124 20.22 0.45 4.80
C ILE A 124 18.75 0.08 4.93
N VAL A 125 18.48 -1.09 5.47
CA VAL A 125 17.10 -1.54 5.66
C VAL A 125 16.76 -1.52 7.13
N LEU A 126 15.76 -0.71 7.49
CA LEU A 126 15.31 -0.60 8.88
C LEU A 126 14.06 -1.45 9.03
N GLY A 127 14.19 -2.58 9.73
CA GLY A 127 13.07 -3.46 9.94
C GLY A 127 12.46 -3.30 11.32
N ILE A 128 11.14 -3.35 11.39
CA ILE A 128 10.44 -3.18 12.66
C ILE A 128 9.29 -4.18 12.76
N GLY A 129 9.25 -4.90 13.87
CA GLY A 129 8.18 -5.85 14.11
C GLY A 129 7.51 -5.39 15.39
N LEU A 130 6.22 -5.07 15.32
CA LEU A 130 5.47 -4.59 16.48
C LEU A 130 4.20 -5.42 16.67
N ASN A 131 4.05 -6.01 17.85
CA ASN A 131 2.88 -6.83 18.14
C ASN A 131 1.70 -5.91 18.42
N VAL A 132 0.65 -6.01 17.61
CA VAL A 132 -0.53 -5.18 17.79
C VAL A 132 -1.70 -6.02 18.30
N ASN A 133 -2.37 -6.74 17.40
CA ASN A 133 -3.52 -7.57 17.78
C ASN A 133 -3.25 -9.07 17.65
N ASN A 134 -2.03 -9.43 17.30
CA ASN A 134 -1.65 -10.83 17.12
C ASN A 134 -1.33 -11.57 18.40
N LYS A 135 -1.38 -12.90 18.33
CA LYS A 135 -1.01 -13.72 19.47
C LYS A 135 0.51 -13.58 19.52
N VAL A 136 1.08 -13.68 20.71
CA VAL A 136 2.54 -13.54 20.84
C VAL A 136 3.14 -14.67 21.65
N PRO A 137 4.46 -14.88 21.51
CA PRO A 137 5.13 -15.95 22.27
C PRO A 137 5.38 -15.51 23.71
N ASN A 138 5.73 -16.45 24.58
CA ASN A 138 6.00 -16.10 25.98
C ASN A 138 7.22 -15.19 26.07
N GLY A 139 7.13 -14.18 26.93
CA GLY A 139 8.22 -13.23 27.09
C GLY A 139 7.85 -11.96 26.33
N ALA A 140 6.75 -12.03 25.60
CA ALA A 140 6.27 -10.90 24.80
C ALA A 140 4.89 -10.40 25.20
N THR A 141 4.50 -9.28 24.60
CA THR A 141 3.20 -8.68 24.84
C THR A 141 2.80 -7.96 23.55
N SER A 142 1.59 -7.40 23.53
CA SER A 142 1.08 -6.69 22.36
C SER A 142 0.28 -5.47 22.77
N MSE A 143 0.00 -4.60 21.81
CA MSE A 143 -0.78 -3.40 22.10
C MSE A 143 -2.17 -3.79 22.61
O MSE A 143 -2.68 -3.21 23.56
CB MSE A 143 -0.90 -2.53 20.85
CG MSE A 143 0.44 -1.92 20.41
SE MSE A 143 0.28 -0.77 18.87
CE MSE A 143 -0.56 0.75 19.73
N LYS A 144 -2.75 -4.81 21.97
CA LYS A 144 -4.08 -5.30 22.34
C LYS A 144 -4.09 -5.82 23.77
N LEU A 145 -3.07 -6.59 24.12
CA LEU A 145 -2.98 -7.15 25.47
C LEU A 145 -2.80 -6.08 26.53
N GLU A 146 -2.03 -5.04 26.21
CA GLU A 146 -1.77 -3.97 27.16
C GLU A 146 -2.97 -3.03 27.33
N LEU A 147 -3.74 -2.84 26.27
CA LEU A 147 -4.90 -1.95 26.33
C LEU A 147 -6.19 -2.67 26.66
N GLY A 148 -6.25 -3.96 26.37
CA GLY A 148 -7.44 -4.73 26.65
C GLY A 148 -8.45 -4.69 25.53
N SER A 149 -8.04 -4.15 24.38
CA SER A 149 -8.92 -4.05 23.23
C SER A 149 -8.14 -3.96 21.93
N GLU A 150 -8.76 -4.38 20.84
CA GLU A 150 -8.12 -4.34 19.52
C GLU A 150 -7.78 -2.90 19.15
N VAL A 151 -6.70 -2.74 18.39
CA VAL A 151 -6.25 -1.43 17.93
C VAL A 151 -6.19 -1.50 16.41
N PRO A 152 -6.78 -0.50 15.71
CA PRO A 152 -6.77 -0.50 14.25
C PRO A 152 -5.33 -0.51 13.73
N LEU A 153 -4.98 -1.59 13.06
CA LEU A 153 -3.63 -1.75 12.53
C LEU A 153 -3.19 -0.61 11.61
N LEU A 154 -4.08 -0.14 10.74
CA LEU A 154 -3.73 0.95 9.84
C LEU A 154 -3.43 2.24 10.62
N SER A 155 -4.14 2.44 11.73
CA SER A 155 -3.91 3.63 12.54
C SER A 155 -2.51 3.59 13.14
N VAL A 156 -2.07 2.39 13.53
CA VAL A 156 -0.74 2.24 14.10
C VAL A 156 0.29 2.51 13.00
N PHE A 157 0.03 1.98 11.80
CA PHE A 157 0.91 2.16 10.65
C PHE A 157 1.09 3.66 10.35
N ARG A 158 -0.02 4.37 10.20
CA ARG A 158 0.04 5.80 9.90
C ARG A 158 0.85 6.55 10.96
N SER A 159 0.57 6.25 12.22
CA SER A 159 1.27 6.90 13.33
C SER A 159 2.77 6.66 13.27
N LEU A 160 3.17 5.39 13.14
CA LEU A 160 4.58 5.03 13.09
C LEU A 160 5.30 5.64 11.90
N ILE A 161 4.68 5.58 10.72
CA ILE A 161 5.31 6.15 9.54
C ILE A 161 5.51 7.66 9.72
N THR A 162 4.52 8.34 10.29
CA THR A 162 4.65 9.78 10.50
C THR A 162 5.81 10.07 11.46
N ASN A 163 5.89 9.33 12.55
CA ASN A 163 6.97 9.53 13.52
C ASN A 163 8.34 9.24 12.94
N LEU A 164 8.46 8.13 12.20
CA LEU A 164 9.74 7.77 11.61
C LEU A 164 10.21 8.79 10.59
N ASP A 165 9.29 9.31 9.79
CA ASP A 165 9.67 10.29 8.79
C ASP A 165 10.26 11.53 9.46
N ARG A 166 9.61 11.99 10.53
CA ARG A 166 10.08 13.16 11.25
C ARG A 166 11.45 12.90 11.87
N LEU A 167 11.57 11.78 12.56
CA LEU A 167 12.83 11.39 13.20
C LEU A 167 13.96 11.27 12.18
N TYR A 168 13.66 10.67 11.03
CA TYR A 168 14.67 10.49 10.00
C TYR A 168 15.13 11.82 9.40
N LEU A 169 14.18 12.69 9.10
CA LEU A 169 14.52 13.99 8.54
C LEU A 169 15.45 14.76 9.47
N ASN A 170 15.15 14.70 10.76
CA ASN A 170 15.98 15.42 11.73
C ASN A 170 17.33 14.74 11.89
N PHE A 171 17.35 13.42 11.76
CA PHE A 171 18.59 12.66 11.89
C PHE A 171 19.57 13.08 10.80
N LEU A 172 19.06 13.36 9.60
CA LEU A 172 19.91 13.77 8.50
C LEU A 172 20.56 15.12 8.76
N LYS A 173 19.86 15.98 9.48
CA LYS A 173 20.40 17.31 9.78
C LYS A 173 21.17 17.36 11.09
N ASN A 174 20.71 16.59 12.07
CA ASN A 174 21.35 16.55 13.39
C ASN A 174 21.37 15.11 13.90
N PRO A 175 22.31 14.30 13.39
CA PRO A 175 22.44 12.88 13.79
C PRO A 175 22.67 12.60 15.27
N MSE A 176 22.99 13.61 16.06
CA MSE A 176 23.23 13.41 17.49
C MSE A 176 21.95 13.52 18.31
O MSE A 176 21.86 12.96 19.41
CB MSE A 176 24.23 14.46 18.02
CG MSE A 176 25.57 14.45 17.31
SE MSE A 176 26.51 12.78 17.46
CE MSE A 176 26.70 12.72 19.38
N ASP A 177 20.96 14.22 17.77
CA ASP A 177 19.68 14.42 18.47
C ASP A 177 18.98 13.14 18.90
N ILE A 178 19.04 12.10 18.07
CA ILE A 178 18.37 10.85 18.39
C ILE A 178 18.87 10.26 19.72
N LEU A 179 20.14 10.48 20.04
CA LEU A 179 20.71 9.94 21.29
C LEU A 179 19.97 10.44 22.52
N ASN A 180 19.59 11.70 22.54
CA ASN A 180 18.87 12.25 23.69
C ASN A 180 17.49 11.61 23.83
N LEU A 181 16.82 11.37 22.71
CA LEU A 181 15.51 10.76 22.73
C LEU A 181 15.62 9.32 23.23
N VAL A 182 16.68 8.63 22.85
CA VAL A 182 16.88 7.26 23.31
C VAL A 182 17.06 7.26 24.82
N ARG A 183 17.96 8.12 25.31
CA ARG A 183 18.21 8.22 26.74
C ARG A 183 16.94 8.44 27.53
N ASP A 184 16.10 9.35 27.05
CA ASP A 184 14.85 9.68 27.73
C ASP A 184 13.81 8.57 27.72
N ASN A 185 14.02 7.56 26.88
CA ASN A 185 13.06 6.45 26.78
C ASN A 185 13.67 5.08 26.98
N MSE A 186 14.89 5.02 27.47
CA MSE A 186 15.57 3.75 27.67
C MSE A 186 15.56 3.31 29.13
O MSE A 186 15.52 4.13 30.04
CB MSE A 186 17.00 3.85 27.15
CG MSE A 186 17.85 2.58 27.20
SE MSE A 186 19.61 2.97 26.50
CE MSE A 186 19.66 4.74 27.16
N ILE A 187 15.57 1.99 29.34
CA ILE A 187 15.59 1.44 30.68
C ILE A 187 17.02 1.56 31.19
N LEU A 188 17.21 2.35 32.24
CA LEU A 188 18.52 2.56 32.82
C LEU A 188 18.47 2.50 34.35
N GLY A 189 19.66 2.53 34.97
CA GLY A 189 19.73 2.49 36.42
C GLY A 189 19.44 1.14 37.04
N VAL A 190 19.43 0.10 36.22
CA VAL A 190 19.17 -1.25 36.71
C VAL A 190 20.33 -2.18 36.32
N ARG A 191 20.42 -3.31 37.02
CA ARG A 191 21.48 -4.27 36.75
C ARG A 191 21.17 -5.07 35.49
N VAL A 192 22.19 -5.28 34.67
CA VAL A 192 22.01 -6.04 33.44
C VAL A 192 23.18 -6.99 33.25
N LYS A 193 22.99 -7.99 32.42
CA LYS A 193 24.03 -8.96 32.11
C LYS A 193 24.25 -8.87 30.61
N ILE A 194 25.49 -8.58 30.23
CA ILE A 194 25.84 -8.49 28.82
C ILE A 194 26.32 -9.85 28.34
N LEU A 195 25.62 -10.40 27.35
CA LEU A 195 25.98 -11.69 26.81
C LEU A 195 26.68 -11.60 25.45
N GLY A 196 27.88 -12.16 25.39
CA GLY A 196 28.66 -12.15 24.16
C GLY A 196 29.80 -13.12 24.37
N ASP A 197 31.03 -12.68 24.12
CA ASP A 197 32.17 -13.55 24.34
C ASP A 197 32.37 -13.56 25.85
N GLY A 198 31.67 -14.47 26.52
CA GLY A 198 31.72 -14.54 27.96
C GLY A 198 30.53 -13.74 28.44
N SER A 199 30.71 -12.95 29.49
CA SER A 199 29.63 -12.12 30.01
C SER A 199 30.06 -11.42 31.28
N PHE A 200 29.36 -10.33 31.61
CA PHE A 200 29.65 -9.56 32.80
C PHE A 200 28.39 -8.85 33.23
N GLU A 201 28.31 -8.49 34.51
CA GLU A 201 27.15 -7.80 35.05
C GLU A 201 27.50 -6.43 35.57
N GLY A 202 26.51 -5.55 35.57
CA GLY A 202 26.71 -4.21 36.07
C GLY A 202 25.47 -3.37 35.91
N ILE A 203 25.54 -2.12 36.36
CA ILE A 203 24.44 -1.20 36.25
C ILE A 203 24.49 -0.50 34.90
N ALA A 204 23.37 -0.52 34.17
CA ALA A 204 23.30 0.15 32.88
C ALA A 204 23.11 1.62 33.23
N GLU A 205 24.19 2.40 33.12
CA GLU A 205 24.16 3.81 33.48
C GLU A 205 23.61 4.77 32.44
N ASP A 206 23.99 4.56 31.18
CA ASP A 206 23.55 5.46 30.13
C ASP A 206 24.18 5.03 28.80
N ILE A 207 23.94 5.79 27.75
CA ILE A 207 24.56 5.50 26.46
C ILE A 207 25.47 6.70 26.22
N ASP A 208 26.62 6.51 25.59
CA ASP A 208 27.51 7.63 25.34
C ASP A 208 27.24 8.31 24.01
N ASP A 209 28.15 9.18 23.59
CA ASP A 209 27.99 9.93 22.35
C ASP A 209 28.04 9.09 21.07
N PHE A 210 28.33 7.80 21.21
CA PHE A 210 28.36 6.92 20.04
C PHE A 210 27.24 5.89 20.16
N GLY A 211 26.42 6.05 21.18
CA GLY A 211 25.31 5.12 21.38
C GLY A 211 25.74 3.85 22.09
N ARG A 212 26.98 3.81 22.57
CA ARG A 212 27.47 2.63 23.29
C ARG A 212 26.84 2.60 24.68
N LEU A 213 26.50 1.40 25.14
CA LEU A 213 25.90 1.28 26.47
C LEU A 213 27.02 1.30 27.50
N ILE A 214 26.88 2.18 28.49
CA ILE A 214 27.87 2.32 29.55
C ILE A 214 27.44 1.48 30.73
N ILE A 215 28.28 0.52 31.12
CA ILE A 215 27.98 -0.36 32.24
C ILE A 215 29.01 -0.20 33.35
N ARG A 216 28.53 -0.06 34.58
CA ARG A 216 29.43 0.07 35.73
C ARG A 216 29.41 -1.25 36.48
N LEU A 217 30.54 -1.94 36.48
CA LEU A 217 30.64 -3.22 37.19
C LEU A 217 30.81 -2.92 38.67
N ASP A 218 30.49 -3.90 39.53
CA ASP A 218 30.59 -3.70 40.97
C ASP A 218 31.97 -3.20 41.43
N SER A 219 33.02 -3.61 40.73
CA SER A 219 34.37 -3.20 41.09
C SER A 219 34.56 -1.71 40.81
N GLY A 220 33.67 -1.16 40.00
CA GLY A 220 33.76 0.24 39.64
C GLY A 220 34.28 0.36 38.22
N GLU A 221 34.70 -0.77 37.66
CA GLU A 221 35.19 -0.77 36.28
C GLU A 221 34.07 -0.33 35.36
N VAL A 222 34.41 0.49 34.37
CA VAL A 222 33.41 0.95 33.40
C VAL A 222 33.67 0.29 32.06
N LYS A 223 32.62 -0.31 31.49
CA LYS A 223 32.74 -0.94 30.19
C LYS A 223 31.79 -0.25 29.22
N LYS A 224 32.21 -0.16 27.97
CA LYS A 224 31.40 0.46 26.93
C LYS A 224 31.03 -0.62 25.93
N VAL A 225 29.74 -0.92 25.83
CA VAL A 225 29.28 -1.97 24.94
C VAL A 225 28.86 -1.47 23.56
N ILE A 226 29.46 -2.06 22.53
CA ILE A 226 29.13 -1.72 21.15
C ILE A 226 28.16 -2.80 20.72
N TYR A 227 27.08 -2.42 20.05
CA TYR A 227 26.11 -3.42 19.63
C TYR A 227 26.55 -4.16 18.38
N GLY A 228 26.42 -5.48 18.44
CA GLY A 228 26.80 -6.37 17.35
C GLY A 228 26.24 -7.69 17.81
N ASP A 229 27.07 -8.71 18.00
CA ASP A 229 26.53 -9.97 18.49
C ASP A 229 26.68 -10.01 19.99
N VAL A 230 25.84 -9.24 20.66
CA VAL A 230 25.84 -9.17 22.11
C VAL A 230 24.39 -9.03 22.51
N SER A 231 23.98 -9.78 23.53
CA SER A 231 22.60 -9.74 23.99
C SER A 231 22.53 -9.20 25.41
N LEU A 232 21.57 -8.32 25.65
CA LEU A 232 21.40 -7.73 26.97
C LEU A 232 20.29 -8.47 27.70
N ARG A 233 20.51 -8.75 28.99
CA ARG A 233 19.52 -9.44 29.80
C ARG A 233 19.35 -8.74 31.15
N PHE A 234 18.11 -8.47 31.52
CA PHE A 234 17.82 -7.83 32.80
C PHE A 234 17.77 -8.92 33.87
N LEU A 235 18.09 -8.55 35.10
CA LEU A 235 18.10 -9.53 36.19
C LEU A 235 16.85 -9.42 37.06
N MSE B 1 -0.68 -4.62 6.54
CA MSE B 1 -1.53 -3.94 7.50
C MSE B 1 -2.93 -3.69 6.93
O MSE B 1 -3.89 -3.46 7.65
CB MSE B 1 -0.87 -2.60 7.85
CG MSE B 1 -1.27 -1.48 6.90
SE MSE B 1 -0.48 -1.64 5.29
CE MSE B 1 -0.52 0.10 4.82
N LEU B 2 -3.07 -3.84 5.60
CA LEU B 2 -4.38 -3.68 4.97
C LEU B 2 -5.31 -4.88 5.23
N GLY B 3 -4.70 -6.08 5.36
CA GLY B 3 -5.48 -7.28 5.63
C GLY B 3 -6.52 -7.55 4.53
N LEU B 4 -6.11 -7.41 3.27
CA LEU B 4 -7.02 -7.70 2.17
C LEU B 4 -7.30 -9.20 2.15
N LYS B 5 -8.53 -9.58 1.83
CA LYS B 5 -8.93 -10.99 1.83
C LYS B 5 -9.18 -11.56 0.44
N THR B 6 -8.82 -10.79 -0.58
CA THR B 6 -8.99 -11.20 -1.96
C THR B 6 -8.07 -12.35 -2.33
N SER B 7 -8.44 -13.09 -3.36
CA SER B 7 -7.64 -14.23 -3.80
C SER B 7 -6.50 -13.85 -4.72
N ILE B 8 -6.79 -13.06 -5.75
CA ILE B 8 -5.76 -12.66 -6.72
C ILE B 8 -5.51 -11.16 -6.78
N ILE B 9 -6.55 -10.39 -7.07
CA ILE B 9 -6.40 -8.95 -7.18
C ILE B 9 -6.23 -8.35 -5.79
N GLY B 10 -5.04 -7.84 -5.53
CA GLY B 10 -4.77 -7.26 -4.23
C GLY B 10 -3.83 -8.10 -3.38
N ARG B 11 -3.27 -9.16 -3.94
CA ARG B 11 -2.32 -10.00 -3.19
C ARG B 11 -1.14 -9.12 -2.82
N ARG B 12 -0.89 -8.12 -3.66
CA ARG B 12 0.20 -7.17 -3.45
C ARG B 12 -0.32 -5.82 -3.93
N VAL B 13 0.05 -4.76 -3.24
CA VAL B 13 -0.38 -3.42 -3.63
C VAL B 13 0.80 -2.46 -3.52
N ILE B 14 1.08 -1.74 -4.60
CA ILE B 14 2.15 -0.76 -4.57
C ILE B 14 1.50 0.61 -4.60
N TYR B 15 1.65 1.33 -3.49
CA TYR B 15 1.09 2.66 -3.33
C TYR B 15 2.15 3.74 -3.53
N PHE B 16 1.75 4.82 -4.21
CA PHE B 16 2.61 5.97 -4.51
C PHE B 16 1.94 7.26 -4.05
N GLN B 17 2.70 8.15 -3.43
CA GLN B 17 2.13 9.44 -3.05
C GLN B 17 1.90 10.18 -4.37
N GLU B 18 2.85 10.01 -5.29
CA GLU B 18 2.78 10.66 -6.59
C GLU B 18 3.42 9.80 -7.66
N ILE B 19 2.80 9.77 -8.84
CA ILE B 19 3.31 8.96 -9.94
C ILE B 19 2.94 9.61 -11.27
N THR B 20 3.64 9.21 -12.32
CA THR B 20 3.34 9.74 -13.65
C THR B 20 2.00 9.12 -14.08
N SER B 21 1.97 7.80 -14.13
CA SER B 21 0.77 7.04 -14.51
C SER B 21 0.86 5.62 -13.98
N THR B 22 -0.17 5.17 -13.27
CA THR B 22 -0.16 3.81 -12.74
C THR B 22 -0.15 2.79 -13.88
N ASN B 23 -0.81 3.11 -14.98
CA ASN B 23 -0.85 2.22 -16.13
C ASN B 23 0.53 2.08 -16.75
N GLU B 24 1.23 3.20 -16.91
CA GLU B 24 2.58 3.16 -17.48
C GLU B 24 3.52 2.36 -16.58
N PHE B 25 3.43 2.58 -15.27
CA PHE B 25 4.29 1.85 -14.35
C PHE B 25 4.00 0.35 -14.38
N ALA B 26 2.72 -0.02 -14.46
CA ALA B 26 2.33 -1.42 -14.49
C ALA B 26 2.83 -2.12 -15.75
N LYS B 27 2.84 -1.39 -16.86
CA LYS B 27 3.28 -1.93 -18.14
C LYS B 27 4.79 -2.17 -18.23
N THR B 28 5.57 -1.27 -17.61
CA THR B 28 7.02 -1.37 -17.68
C THR B 28 7.73 -2.02 -16.50
N SER B 29 6.99 -2.50 -15.51
CA SER B 29 7.61 -3.14 -14.35
C SER B 29 7.19 -4.60 -14.25
N TYR B 30 8.11 -5.48 -13.86
CA TYR B 30 7.72 -6.88 -13.70
C TYR B 30 6.90 -6.95 -12.42
N LEU B 31 5.67 -7.41 -12.54
CA LEU B 31 4.77 -7.50 -11.40
C LEU B 31 3.96 -8.78 -11.46
N GLU B 32 3.78 -9.43 -10.31
CA GLU B 32 3.02 -10.68 -10.26
C GLU B 32 1.55 -10.37 -10.56
N GLU B 33 0.85 -11.35 -11.13
CA GLU B 33 -0.57 -11.18 -11.44
C GLU B 33 -1.31 -10.77 -10.18
N GLY B 34 -2.25 -9.84 -10.33
CA GLY B 34 -3.03 -9.40 -9.18
C GLY B 34 -2.48 -8.17 -8.48
N THR B 35 -1.26 -7.76 -8.84
CA THR B 35 -0.66 -6.60 -8.21
C THR B 35 -1.42 -5.35 -8.58
N VAL B 36 -1.73 -4.54 -7.57
CA VAL B 36 -2.46 -3.30 -7.77
C VAL B 36 -1.50 -2.13 -7.61
N ILE B 37 -1.50 -1.22 -8.59
CA ILE B 37 -0.65 -0.03 -8.54
C ILE B 37 -1.61 1.12 -8.26
N VAL B 38 -1.41 1.83 -7.15
CA VAL B 38 -2.32 2.92 -6.80
C VAL B 38 -1.56 4.19 -6.36
N ALA B 39 -2.10 5.35 -6.68
CA ALA B 39 -1.44 6.60 -6.32
C ALA B 39 -2.41 7.71 -5.91
N ASP B 40 -1.96 8.57 -5.00
CA ASP B 40 -2.79 9.67 -4.55
C ASP B 40 -3.04 10.65 -5.68
N LYS B 41 -2.03 10.80 -6.52
CA LYS B 41 -2.11 11.73 -7.64
C LYS B 41 -1.25 11.27 -8.81
N GLN B 42 -1.73 11.54 -10.02
CA GLN B 42 -0.98 11.18 -11.22
C GLN B 42 -0.63 12.50 -11.92
N THR B 43 0.59 12.60 -12.42
CA THR B 43 1.03 13.81 -13.10
C THR B 43 0.86 13.66 -14.60
N MSE B 44 0.82 12.41 -15.07
CA MSE B 44 0.66 12.13 -16.49
C MSE B 44 -0.39 11.06 -16.72
O MSE B 44 -0.19 10.15 -17.54
CB MSE B 44 2.00 11.68 -17.08
CG MSE B 44 3.12 12.70 -16.93
CG MSE B 44 3.19 12.53 -16.67
SE MSE B 44 3.15 13.99 -18.37
SE MSE B 44 4.70 12.32 -17.85
CE MSE B 44 1.89 15.28 -17.73
CE MSE B 44 5.30 10.57 -17.38
N GLY B 45 -1.50 11.15 -16.00
CA GLY B 45 -2.56 10.17 -16.17
C GLY B 45 -3.18 10.33 -17.54
N HIS B 46 -3.59 9.22 -18.15
CA HIS B 46 -4.19 9.31 -19.47
C HIS B 46 -5.34 8.35 -19.72
N GLY B 47 -6.17 8.72 -20.69
CA GLY B 47 -7.30 7.88 -21.06
C GLY B 47 -6.99 7.32 -22.42
N ARG B 48 -8.00 7.23 -23.28
CA ARG B 48 -7.79 6.70 -24.63
C ARG B 48 -7.06 7.77 -25.44
N LEU B 49 -6.36 7.34 -26.49
CA LEU B 49 -5.64 8.27 -27.36
C LEU B 49 -4.72 9.20 -26.58
N ASN B 50 -4.11 8.68 -25.52
CA ASN B 50 -3.20 9.44 -24.68
C ASN B 50 -3.82 10.72 -24.11
N ARG B 51 -5.15 10.83 -24.22
CA ARG B 51 -5.84 12.01 -23.69
C ARG B 51 -5.60 12.10 -22.20
N LYS B 52 -5.35 13.31 -21.72
CA LYS B 52 -5.07 13.49 -20.29
C LYS B 52 -6.27 13.18 -19.38
N TRP B 53 -5.97 12.51 -18.28
CA TRP B 53 -6.98 12.16 -17.28
C TRP B 53 -6.61 12.92 -16.01
N GLU B 54 -7.40 13.92 -15.67
CA GLU B 54 -7.13 14.71 -14.46
C GLU B 54 -7.11 13.78 -13.27
N SER B 55 -5.99 13.75 -12.56
CA SER B 55 -5.84 12.86 -11.42
C SER B 55 -5.34 13.55 -10.15
N PRO B 56 -6.09 14.53 -9.65
CA PRO B 56 -5.67 15.23 -8.43
C PRO B 56 -5.91 14.41 -7.18
N GLU B 57 -5.41 14.90 -6.04
CA GLU B 57 -5.59 14.22 -4.76
C GLU B 57 -7.09 14.15 -4.44
N GLY B 58 -7.52 13.01 -3.90
CA GLY B 58 -8.91 12.84 -3.54
C GLY B 58 -9.62 11.77 -4.35
N GLY B 59 -9.04 11.42 -5.50
CA GLY B 59 -9.65 10.39 -6.34
C GLY B 59 -8.97 9.04 -6.21
N LEU B 60 -9.54 8.04 -6.86
CA LEU B 60 -8.98 6.69 -6.83
C LEU B 60 -8.39 6.37 -8.20
N TRP B 61 -7.07 6.40 -8.29
CA TRP B 61 -6.35 6.15 -9.54
C TRP B 61 -5.54 4.86 -9.40
N LEU B 62 -5.95 3.79 -10.08
CA LEU B 62 -5.21 2.54 -9.95
C LEU B 62 -5.16 1.69 -11.21
N SER B 63 -4.23 0.74 -11.20
CA SER B 63 -4.05 -0.21 -12.30
C SER B 63 -3.87 -1.59 -11.70
N ILE B 64 -4.37 -2.61 -12.39
CA ILE B 64 -4.26 -3.98 -11.90
C ILE B 64 -3.60 -4.84 -12.97
N VAL B 65 -2.60 -5.62 -12.55
CA VAL B 65 -1.88 -6.49 -13.48
C VAL B 65 -2.60 -7.83 -13.58
N LEU B 66 -2.93 -8.24 -14.81
CA LEU B 66 -3.62 -9.50 -15.04
C LEU B 66 -2.93 -10.27 -16.16
N SER B 67 -3.19 -11.56 -16.23
CA SER B 67 -2.63 -12.41 -17.29
C SER B 67 -3.60 -13.56 -17.48
N PRO B 68 -4.80 -13.25 -18.02
CA PRO B 68 -5.89 -14.17 -18.31
C PRO B 68 -5.57 -15.37 -19.19
N LYS B 69 -5.50 -16.55 -18.59
CA LYS B 69 -5.26 -17.76 -19.34
C LYS B 69 -6.61 -18.13 -19.92
N VAL B 70 -7.15 -17.21 -20.72
CA VAL B 70 -8.46 -17.33 -21.36
C VAL B 70 -8.27 -17.24 -22.88
N PRO B 71 -9.26 -17.73 -23.66
CA PRO B 71 -9.13 -17.67 -25.13
C PRO B 71 -8.84 -16.25 -25.63
N GLN B 72 -8.34 -16.15 -26.86
CA GLN B 72 -7.97 -14.87 -27.46
C GLN B 72 -9.09 -13.87 -27.80
N LYS B 73 -10.34 -14.32 -27.83
CA LYS B 73 -11.44 -13.42 -28.17
C LYS B 73 -12.19 -12.85 -26.96
N ASP B 74 -11.76 -13.21 -25.75
CA ASP B 74 -12.41 -12.74 -24.53
C ASP B 74 -11.74 -11.53 -23.91
N LEU B 75 -10.46 -11.36 -24.20
CA LEU B 75 -9.65 -10.27 -23.67
C LEU B 75 -10.25 -8.86 -23.79
N PRO B 76 -11.07 -8.61 -24.82
CA PRO B 76 -11.65 -7.27 -24.94
C PRO B 76 -12.75 -7.02 -23.89
N LYS B 77 -13.07 -8.05 -23.11
CA LYS B 77 -14.09 -7.95 -22.07
C LYS B 77 -13.51 -7.45 -20.75
N ILE B 78 -12.20 -7.40 -20.66
CA ILE B 78 -11.53 -6.95 -19.43
C ILE B 78 -11.99 -5.55 -19.04
N VAL B 79 -12.13 -4.68 -20.04
CA VAL B 79 -12.58 -3.32 -19.77
C VAL B 79 -13.94 -3.34 -19.07
N PHE B 80 -14.81 -4.27 -19.46
CA PHE B 80 -16.13 -4.38 -18.86
C PHE B 80 -16.05 -4.81 -17.39
N LEU B 81 -15.05 -5.61 -17.07
CA LEU B 81 -14.88 -6.06 -15.68
C LEU B 81 -14.66 -4.82 -14.82
N GLY B 82 -13.79 -3.93 -15.30
CA GLY B 82 -13.52 -2.71 -14.56
C GLY B 82 -14.76 -1.84 -14.43
N ALA B 83 -15.50 -1.68 -15.53
CA ALA B 83 -16.70 -0.85 -15.50
C ALA B 83 -17.76 -1.41 -14.56
N VAL B 84 -17.99 -2.72 -14.62
CA VAL B 84 -18.99 -3.34 -13.75
C VAL B 84 -18.54 -3.26 -12.29
N GLY B 85 -17.24 -3.42 -12.05
CA GLY B 85 -16.75 -3.34 -10.69
C GLY B 85 -17.07 -1.97 -10.11
N VAL B 86 -16.83 -0.94 -10.90
CA VAL B 86 -17.11 0.42 -10.45
C VAL B 86 -18.60 0.59 -10.18
N VAL B 87 -19.44 0.10 -11.08
CA VAL B 87 -20.88 0.21 -10.89
C VAL B 87 -21.31 -0.46 -9.59
N GLU B 88 -20.79 -1.65 -9.32
CA GLU B 88 -21.13 -2.37 -8.10
C GLU B 88 -20.69 -1.60 -6.85
N THR B 89 -19.49 -1.05 -6.88
CA THR B 89 -19.00 -0.28 -5.73
C THR B 89 -19.87 0.96 -5.48
N LEU B 90 -20.20 1.67 -6.56
CA LEU B 90 -21.03 2.85 -6.44
C LEU B 90 -22.38 2.50 -5.80
N LYS B 91 -22.95 1.37 -6.19
CA LYS B 91 -24.23 0.97 -5.65
C LYS B 91 -24.14 0.75 -4.14
N GLU B 92 -23.02 0.19 -3.70
CA GLU B 92 -22.81 -0.05 -2.27
C GLU B 92 -22.85 1.29 -1.53
N PHE B 93 -22.42 2.33 -2.22
CA PHE B 93 -22.41 3.67 -1.64
C PHE B 93 -23.62 4.52 -1.99
N SER B 94 -24.72 3.85 -2.36
CA SER B 94 -25.97 4.54 -2.69
C SER B 94 -25.95 5.37 -3.96
N ILE B 95 -25.08 5.01 -4.91
CA ILE B 95 -24.99 5.75 -6.16
C ILE B 95 -25.35 4.84 -7.34
N ASP B 96 -26.24 5.30 -8.22
CA ASP B 96 -26.61 4.48 -9.35
C ASP B 96 -25.82 4.92 -10.57
N GLY B 97 -24.81 4.11 -10.88
CA GLY B 97 -23.94 4.39 -12.01
C GLY B 97 -24.34 3.54 -13.21
N ARG B 98 -24.22 4.11 -14.41
CA ARG B 98 -24.57 3.38 -15.63
C ARG B 98 -23.41 3.44 -16.62
N ILE B 99 -23.18 2.34 -17.32
CA ILE B 99 -22.08 2.25 -18.27
C ILE B 99 -22.33 2.84 -19.64
N LYS B 100 -21.44 3.73 -20.06
CA LYS B 100 -21.50 4.31 -21.38
C LYS B 100 -20.44 3.57 -22.17
N TRP B 101 -20.87 2.80 -23.16
CA TRP B 101 -19.94 2.03 -23.97
C TRP B 101 -18.84 2.93 -24.51
N PRO B 102 -17.59 2.45 -24.50
CA PRO B 102 -17.21 1.11 -24.02
C PRO B 102 -16.49 1.08 -22.67
N ASN B 103 -16.10 2.25 -22.16
CA ASN B 103 -15.32 2.29 -20.92
C ASN B 103 -15.67 3.35 -19.88
N ASP B 104 -16.82 4.01 -20.01
CA ASP B 104 -17.18 5.05 -19.05
C ASP B 104 -18.32 4.68 -18.13
N VAL B 105 -18.34 5.30 -16.95
CA VAL B 105 -19.43 5.08 -16.00
C VAL B 105 -20.00 6.46 -15.70
N LEU B 106 -21.29 6.63 -15.93
CA LEU B 106 -21.95 7.91 -15.71
C LEU B 106 -22.99 7.84 -14.61
N VAL B 107 -23.23 9.00 -13.99
CA VAL B 107 -24.25 9.13 -12.95
C VAL B 107 -25.08 10.32 -13.41
N ASN B 108 -26.32 10.06 -13.82
CA ASN B 108 -27.20 11.11 -14.32
C ASN B 108 -26.48 11.77 -15.49
N TYR B 109 -25.88 10.92 -16.33
CA TYR B 109 -25.13 11.33 -17.51
C TYR B 109 -23.83 12.11 -17.32
N LYS B 110 -23.39 12.25 -16.07
CA LYS B 110 -22.13 12.95 -15.79
C LYS B 110 -21.08 11.87 -15.51
N LYS B 111 -19.92 11.99 -16.16
CA LYS B 111 -18.86 10.99 -15.98
C LYS B 111 -18.20 10.99 -14.61
N ILE B 112 -18.24 9.82 -13.96
CA ILE B 112 -17.68 9.66 -12.62
C ILE B 112 -16.46 8.76 -12.63
N ALA B 113 -16.30 7.98 -13.70
CA ALA B 113 -15.16 7.07 -13.80
C ALA B 113 -14.86 6.68 -15.23
N GLY B 114 -13.62 6.25 -15.46
CA GLY B 114 -13.18 5.84 -16.78
C GLY B 114 -12.28 4.63 -16.65
N VAL B 115 -12.36 3.71 -17.61
CA VAL B 115 -11.55 2.51 -17.60
C VAL B 115 -10.65 2.45 -18.81
N LEU B 116 -9.39 2.06 -18.61
CA LEU B 116 -8.43 1.97 -19.70
C LEU B 116 -7.66 0.66 -19.60
N VAL B 117 -7.83 -0.20 -20.60
CA VAL B 117 -7.14 -1.48 -20.61
C VAL B 117 -6.04 -1.48 -21.66
N GLU B 118 -4.88 -1.97 -21.26
CA GLU B 118 -3.74 -2.04 -22.16
C GLU B 118 -3.09 -3.40 -22.06
N GLY B 119 -3.18 -4.19 -23.13
CA GLY B 119 -2.57 -5.50 -23.15
C GLY B 119 -1.15 -5.32 -23.62
N LYS B 120 -0.18 -5.72 -22.82
CA LYS B 120 1.22 -5.56 -23.18
C LYS B 120 2.01 -6.85 -23.20
N GLY B 121 1.82 -7.61 -24.28
CA GLY B 121 2.52 -8.87 -24.44
C GLY B 121 1.95 -10.00 -23.60
N ASP B 122 2.57 -10.22 -22.45
CA ASP B 122 2.17 -11.27 -21.52
C ASP B 122 1.03 -10.83 -20.61
N LYS B 123 1.21 -9.69 -19.96
CA LYS B 123 0.21 -9.18 -19.03
C LYS B 123 -0.75 -8.15 -19.63
N ILE B 124 -1.89 -8.01 -18.97
CA ILE B 124 -2.91 -7.06 -19.37
C ILE B 124 -3.00 -6.11 -18.18
N VAL B 125 -3.00 -4.81 -18.46
CA VAL B 125 -3.09 -3.81 -17.41
C VAL B 125 -4.49 -3.19 -17.42
N LEU B 126 -5.21 -3.35 -16.31
CA LEU B 126 -6.56 -2.81 -16.17
C LEU B 126 -6.50 -1.53 -15.35
N GLY B 127 -6.68 -0.39 -16.01
CA GLY B 127 -6.62 0.89 -15.33
C GLY B 127 -8.00 1.47 -15.07
N ILE B 128 -8.19 1.99 -13.85
CA ILE B 128 -9.45 2.57 -13.47
C ILE B 128 -9.27 3.91 -12.76
N GLY B 129 -10.01 4.90 -13.21
CA GLY B 129 -9.95 6.21 -12.59
C GLY B 129 -11.35 6.53 -12.09
N LEU B 130 -11.49 6.70 -10.79
CA LEU B 130 -12.80 6.99 -10.19
C LEU B 130 -12.75 8.26 -9.34
N ASN B 131 -13.64 9.21 -9.65
CA ASN B 131 -13.68 10.47 -8.89
C ASN B 131 -14.40 10.25 -7.57
N VAL B 132 -13.70 10.52 -6.48
CA VAL B 132 -14.28 10.35 -5.15
C VAL B 132 -14.45 11.69 -4.45
N ASN B 133 -13.37 12.23 -3.88
CA ASN B 133 -13.45 13.52 -3.17
C ASN B 133 -12.71 14.63 -3.89
N ASN B 134 -12.14 14.31 -5.05
CA ASN B 134 -11.37 15.27 -5.83
C ASN B 134 -12.21 16.21 -6.68
N LYS B 135 -11.57 17.30 -7.11
CA LYS B 135 -12.22 18.28 -7.98
C LYS B 135 -12.28 17.59 -9.34
N VAL B 136 -13.35 17.85 -10.10
CA VAL B 136 -13.50 17.22 -11.40
C VAL B 136 -13.75 18.24 -12.50
N PRO B 137 -13.44 17.86 -13.76
CA PRO B 137 -13.64 18.77 -14.90
C PRO B 137 -15.14 19.09 -15.02
N ASN B 138 -15.46 20.23 -15.63
CA ASN B 138 -16.85 20.60 -15.81
C ASN B 138 -17.57 19.54 -16.62
N GLY B 139 -18.78 19.19 -16.19
CA GLY B 139 -19.55 18.17 -16.89
C GLY B 139 -19.40 16.82 -16.21
N ALA B 140 -18.33 16.66 -15.44
CA ALA B 140 -18.08 15.41 -14.73
C ALA B 140 -18.65 15.49 -13.32
N THR B 141 -18.58 14.38 -12.59
CA THR B 141 -19.07 14.34 -11.22
C THR B 141 -18.20 13.42 -10.37
N SER B 142 -18.46 13.38 -9.07
CA SER B 142 -17.69 12.55 -8.15
C SER B 142 -18.60 11.98 -7.07
N MSE B 143 -18.11 10.99 -6.33
CA MSE B 143 -18.89 10.38 -5.27
C MSE B 143 -19.25 11.42 -4.22
O MSE B 143 -20.36 11.41 -3.67
CB MSE B 143 -18.12 9.22 -4.64
CG MSE B 143 -17.88 8.07 -5.60
SE MSE B 143 -17.00 6.57 -4.74
CE MSE B 143 -18.49 5.94 -3.69
N LYS B 144 -18.33 12.34 -3.95
CA LYS B 144 -18.56 13.39 -2.98
C LYS B 144 -19.66 14.34 -3.43
N LEU B 145 -19.63 14.70 -4.71
CA LEU B 145 -20.64 15.61 -5.25
C LEU B 145 -22.02 14.94 -5.25
N GLU B 146 -22.05 13.64 -5.51
CA GLU B 146 -23.30 12.89 -5.53
C GLU B 146 -23.88 12.68 -4.13
N LEU B 147 -23.01 12.40 -3.17
CA LEU B 147 -23.45 12.15 -1.80
C LEU B 147 -23.41 13.40 -0.92
N GLY B 148 -22.72 14.43 -1.38
CA GLY B 148 -22.61 15.66 -0.63
C GLY B 148 -21.82 15.50 0.66
N SER B 149 -20.92 14.53 0.69
CA SER B 149 -20.10 14.28 1.86
C SER B 149 -18.77 13.65 1.50
N GLU B 150 -17.80 13.77 2.40
CA GLU B 150 -16.46 13.21 2.22
C GLU B 150 -16.52 11.70 2.35
N VAL B 151 -16.18 10.98 1.28
CA VAL B 151 -16.21 9.52 1.31
C VAL B 151 -14.81 8.97 1.60
N PRO B 152 -14.68 8.06 2.58
CA PRO B 152 -13.38 7.49 2.92
C PRO B 152 -12.77 6.79 1.71
N LEU B 153 -11.68 7.34 1.19
CA LEU B 153 -11.05 6.78 0.00
C LEU B 153 -10.63 5.32 0.13
N LEU B 154 -10.08 4.94 1.28
CA LEU B 154 -9.66 3.55 1.46
C LEU B 154 -10.85 2.60 1.45
N SER B 155 -12.01 3.05 1.94
CA SER B 155 -13.16 2.17 1.93
C SER B 155 -13.61 1.90 0.51
N VAL B 156 -13.45 2.88 -0.36
CA VAL B 156 -13.82 2.72 -1.77
C VAL B 156 -12.85 1.75 -2.42
N PHE B 157 -11.57 1.91 -2.10
CA PHE B 157 -10.52 1.04 -2.63
C PHE B 157 -10.83 -0.40 -2.24
N ARG B 158 -11.09 -0.63 -0.95
CA ARG B 158 -11.40 -1.97 -0.46
C ARG B 158 -12.60 -2.58 -1.18
N SER B 159 -13.66 -1.78 -1.33
CA SER B 159 -14.86 -2.23 -2.00
C SER B 159 -14.61 -2.61 -3.46
N LEU B 160 -13.92 -1.74 -4.19
CA LEU B 160 -13.65 -1.98 -5.60
C LEU B 160 -12.76 -3.21 -5.82
N ILE B 161 -11.71 -3.32 -5.00
CA ILE B 161 -10.81 -4.46 -5.12
C ILE B 161 -11.55 -5.75 -4.84
N THR B 162 -12.44 -5.73 -3.85
CA THR B 162 -13.21 -6.92 -3.53
C THR B 162 -14.09 -7.32 -4.69
N ASN B 163 -14.80 -6.35 -5.28
CA ASN B 163 -15.66 -6.63 -6.42
C ASN B 163 -14.87 -7.11 -7.64
N LEU B 164 -13.74 -6.47 -7.92
CA LEU B 164 -12.95 -6.86 -9.07
C LEU B 164 -12.39 -8.27 -8.94
N ASP B 165 -11.92 -8.63 -7.75
CA ASP B 165 -11.39 -9.96 -7.54
C ASP B 165 -12.47 -11.01 -7.85
N ARG B 166 -13.68 -10.77 -7.38
CA ARG B 166 -14.79 -11.70 -7.60
C ARG B 166 -15.12 -11.78 -9.09
N LEU B 167 -15.26 -10.63 -9.73
CA LEU B 167 -15.57 -10.58 -11.16
C LEU B 167 -14.50 -11.28 -11.99
N TYR B 168 -13.24 -11.05 -11.64
CA TYR B 168 -12.13 -11.65 -12.37
C TYR B 168 -12.05 -13.17 -12.20
N LEU B 169 -12.15 -13.65 -10.97
CA LEU B 169 -12.10 -15.09 -10.74
C LEU B 169 -13.21 -15.80 -11.51
N ASN B 170 -14.39 -15.18 -11.58
CA ASN B 170 -15.49 -15.80 -12.31
C ASN B 170 -15.23 -15.72 -13.81
N PHE B 171 -14.65 -14.60 -14.25
CA PHE B 171 -14.35 -14.40 -15.66
C PHE B 171 -13.41 -15.48 -16.19
N LEU B 172 -12.46 -15.90 -15.36
CA LEU B 172 -11.52 -16.94 -15.76
C LEU B 172 -12.20 -18.28 -16.02
N LYS B 173 -13.35 -18.50 -15.39
CA LYS B 173 -14.08 -19.74 -15.55
C LYS B 173 -15.26 -19.63 -16.51
N ASN B 174 -16.00 -18.53 -16.40
CA ASN B 174 -17.19 -18.28 -17.19
C ASN B 174 -17.08 -16.91 -17.84
N PRO B 175 -16.21 -16.79 -18.86
CA PRO B 175 -15.97 -15.55 -19.60
C PRO B 175 -17.15 -14.85 -20.28
N MSE B 176 -18.28 -15.53 -20.41
CA MSE B 176 -19.43 -14.92 -21.05
C MSE B 176 -20.36 -14.20 -20.06
O MSE B 176 -21.18 -13.38 -20.46
CB MSE B 176 -20.25 -15.97 -21.82
CG MSE B 176 -19.49 -16.74 -22.90
SE MSE B 176 -18.69 -15.62 -24.26
CE MSE B 176 -20.30 -14.84 -25.00
N ASP B 177 -20.22 -14.51 -18.77
CA ASP B 177 -21.08 -13.90 -17.76
C ASP B 177 -21.02 -12.37 -17.71
N ILE B 178 -19.83 -11.81 -17.86
CA ILE B 178 -19.67 -10.36 -17.80
C ILE B 178 -20.51 -9.59 -18.81
N LEU B 179 -20.79 -10.19 -19.97
CA LEU B 179 -21.59 -9.51 -20.99
C LEU B 179 -22.99 -9.16 -20.53
N ASN B 180 -23.68 -10.10 -19.88
CA ASN B 180 -25.02 -9.81 -19.41
C ASN B 180 -25.03 -8.79 -18.27
N LEU B 181 -23.97 -8.78 -17.47
CA LEU B 181 -23.89 -7.81 -16.38
C LEU B 181 -23.72 -6.42 -16.97
N VAL B 182 -22.97 -6.34 -18.07
CA VAL B 182 -22.75 -5.06 -18.74
C VAL B 182 -24.06 -4.58 -19.35
N ARG B 183 -24.72 -5.46 -20.10
CA ARG B 183 -25.98 -5.12 -20.76
C ARG B 183 -26.99 -4.56 -19.77
N ASP B 184 -27.08 -5.19 -18.60
CA ASP B 184 -28.04 -4.73 -17.60
C ASP B 184 -27.65 -3.45 -16.89
N ASN B 185 -26.42 -2.98 -17.13
CA ASN B 185 -25.94 -1.76 -16.50
C ASN B 185 -25.42 -0.74 -17.51
N MSE B 186 -25.76 -0.95 -18.77
CA MSE B 186 -25.31 -0.05 -19.83
C MSE B 186 -26.45 0.81 -20.36
O MSE B 186 -27.62 0.42 -20.32
CB MSE B 186 -24.70 -0.90 -20.96
CG MSE B 186 -24.24 -0.13 -22.18
SE MSE B 186 -23.41 -1.37 -23.40
CE MSE B 186 -24.78 -2.71 -23.39
N ILE B 187 -26.10 2.00 -20.86
CA ILE B 187 -27.07 2.92 -21.42
C ILE B 187 -27.39 2.47 -22.84
N LEU B 188 -28.62 2.01 -23.05
CA LEU B 188 -29.03 1.54 -24.37
C LEU B 188 -30.35 2.13 -24.83
N GLY B 189 -30.70 1.89 -26.08
CA GLY B 189 -31.95 2.40 -26.62
C GLY B 189 -31.94 3.90 -26.90
N VAL B 190 -30.75 4.48 -26.99
CA VAL B 190 -30.63 5.91 -27.26
C VAL B 190 -29.82 6.14 -28.54
N ARG B 191 -29.95 7.35 -29.10
CA ARG B 191 -29.26 7.69 -30.33
C ARG B 191 -27.81 8.13 -30.07
N VAL B 192 -26.91 7.71 -30.94
CA VAL B 192 -25.49 8.05 -30.81
C VAL B 192 -24.85 8.25 -32.18
N LYS B 193 -23.73 8.97 -32.21
CA LYS B 193 -23.02 9.20 -33.45
C LYS B 193 -21.58 8.73 -33.33
N ILE B 194 -21.07 8.12 -34.40
CA ILE B 194 -19.70 7.63 -34.43
C ILE B 194 -18.90 8.61 -35.29
N LEU B 195 -17.93 9.27 -34.68
CA LEU B 195 -17.11 10.25 -35.37
C LEU B 195 -15.95 9.65 -36.15
N GLY B 196 -15.34 10.47 -37.00
CA GLY B 196 -14.23 10.02 -37.81
C GLY B 196 -14.63 9.76 -39.24
N ASP B 197 -13.75 9.10 -39.98
CA ASP B 197 -14.01 8.77 -41.37
C ASP B 197 -15.15 7.77 -41.50
N GLY B 198 -16.09 8.05 -42.40
CA GLY B 198 -17.23 7.16 -42.59
C GLY B 198 -18.21 7.23 -41.45
N SER B 199 -18.21 8.36 -40.74
CA SER B 199 -19.10 8.57 -39.60
C SER B 199 -20.56 8.22 -39.89
N PHE B 200 -21.35 8.05 -38.82
CA PHE B 200 -22.76 7.71 -38.95
C PHE B 200 -23.49 7.83 -37.61
N GLU B 201 -24.82 7.84 -37.65
CA GLU B 201 -25.65 7.93 -36.45
C GLU B 201 -26.68 6.80 -36.37
N GLY B 202 -27.20 6.55 -35.17
CA GLY B 202 -28.18 5.50 -35.00
C GLY B 202 -28.50 5.18 -33.55
N ILE B 203 -29.35 4.17 -33.35
CA ILE B 203 -29.75 3.75 -32.01
C ILE B 203 -28.82 2.68 -31.47
N ALA B 204 -28.27 2.91 -30.28
CA ALA B 204 -27.38 1.93 -29.65
C ALA B 204 -28.32 0.86 -29.09
N GLU B 205 -28.40 -0.27 -29.79
CA GLU B 205 -29.28 -1.36 -29.40
C GLU B 205 -28.81 -2.28 -28.28
N ASP B 206 -27.55 -2.70 -28.35
CA ASP B 206 -27.02 -3.64 -27.36
C ASP B 206 -25.56 -3.92 -27.72
N ILE B 207 -24.93 -4.84 -26.99
CA ILE B 207 -23.56 -5.23 -27.31
C ILE B 207 -23.66 -6.69 -27.70
N ASP B 208 -22.86 -7.14 -28.66
CA ASP B 208 -22.94 -8.53 -29.08
C ASP B 208 -22.01 -9.42 -28.25
N ASP B 209 -21.90 -10.68 -28.65
CA ASP B 209 -21.07 -11.63 -27.93
C ASP B 209 -19.58 -11.30 -27.91
N PHE B 210 -19.16 -10.32 -28.70
CA PHE B 210 -17.77 -9.91 -28.72
C PHE B 210 -17.62 -8.55 -28.04
N GLY B 211 -18.71 -8.04 -27.50
CA GLY B 211 -18.69 -6.75 -26.83
C GLY B 211 -18.78 -5.57 -27.76
N ARG B 212 -19.04 -5.82 -29.05
CA ARG B 212 -19.16 -4.75 -30.01
C ARG B 212 -20.49 -4.03 -29.83
N LEU B 213 -20.50 -2.72 -30.02
CA LEU B 213 -21.75 -1.97 -29.87
C LEU B 213 -22.56 -2.11 -31.16
N ILE B 214 -23.80 -2.54 -31.00
CA ILE B 214 -24.71 -2.74 -32.13
C ILE B 214 -25.55 -1.48 -32.34
N ILE B 215 -25.41 -0.86 -33.51
CA ILE B 215 -26.14 0.35 -33.83
C ILE B 215 -27.08 0.15 -35.01
N ARG B 216 -28.31 0.65 -34.87
CA ARG B 216 -29.28 0.56 -35.95
C ARG B 216 -29.44 1.95 -36.55
N LEU B 217 -28.98 2.13 -37.78
CA LEU B 217 -29.09 3.42 -38.44
C LEU B 217 -30.55 3.59 -38.88
N ASP B 218 -30.95 4.83 -39.17
CA ASP B 218 -32.32 5.10 -39.58
C ASP B 218 -32.73 4.36 -40.85
N SER B 219 -31.75 3.97 -41.66
CA SER B 219 -32.01 3.26 -42.90
C SER B 219 -32.36 1.80 -42.60
N GLY B 220 -32.06 1.37 -41.39
CA GLY B 220 -32.31 -0.01 -41.02
C GLY B 220 -31.03 -0.79 -41.03
N GLU B 221 -29.98 -0.21 -41.61
CA GLU B 221 -28.68 -0.86 -41.67
C GLU B 221 -28.16 -1.05 -40.25
N VAL B 222 -27.51 -2.18 -40.02
CA VAL B 222 -26.95 -2.46 -38.71
C VAL B 222 -25.44 -2.47 -38.78
N LYS B 223 -24.80 -1.68 -37.93
CA LYS B 223 -23.35 -1.62 -37.90
C LYS B 223 -22.87 -2.11 -36.54
N LYS B 224 -21.67 -2.68 -36.52
CA LYS B 224 -21.09 -3.18 -35.29
C LYS B 224 -19.82 -2.38 -35.02
N VAL B 225 -19.80 -1.68 -33.89
CA VAL B 225 -18.64 -0.86 -33.54
C VAL B 225 -17.69 -1.56 -32.59
N ILE B 226 -16.41 -1.63 -32.97
CA ILE B 226 -15.38 -2.27 -32.16
C ILE B 226 -14.71 -1.22 -31.27
N TYR B 227 -14.20 -1.67 -30.13
CA TYR B 227 -13.53 -0.78 -29.18
C TYR B 227 -12.14 -0.37 -29.64
N GLY B 228 -12.07 0.53 -30.63
CA GLY B 228 -10.79 1.00 -31.13
C GLY B 228 -10.63 2.43 -30.68
N ASP B 229 -10.04 3.28 -31.52
CA ASP B 229 -9.89 4.69 -31.18
C ASP B 229 -11.27 5.29 -31.38
N VAL B 230 -12.29 4.52 -30.99
CA VAL B 230 -13.68 4.92 -31.15
C VAL B 230 -14.15 6.02 -30.21
N SER B 231 -14.66 7.09 -30.82
CA SER B 231 -15.17 8.23 -30.09
C SER B 231 -16.70 8.20 -30.26
N LEU B 232 -17.41 7.97 -29.17
CA LEU B 232 -18.87 7.89 -29.22
C LEU B 232 -19.60 8.77 -28.21
N ARG B 233 -20.46 9.64 -28.72
CA ARG B 233 -21.25 10.51 -27.86
C ARG B 233 -22.73 10.40 -28.18
N PHE B 234 -23.56 10.72 -27.19
CA PHE B 234 -25.01 10.66 -27.33
C PHE B 234 -25.57 11.85 -28.11
N LEU B 235 -26.76 11.68 -28.65
CA LEU B 235 -27.44 12.73 -29.40
C LEU B 235 -28.82 12.99 -28.80
PB ADP C . 16.70 -9.48 21.32
O1B ADP C . 16.02 -8.20 21.07
O2B ADP C . 18.04 -9.30 21.99
O3B ADP C . 15.85 -10.54 22.08
PA ADP C . 16.81 -11.39 19.09
O1A ADP C . 17.74 -11.29 17.93
O2A ADP C . 16.94 -12.58 19.98
O3A ADP C . 17.06 -10.03 19.86
O5' ADP C . 15.44 -11.42 18.27
C5' ADP C . 14.08 -11.48 18.86
C4' ADP C . 13.72 -12.64 19.80
O4' ADP C . 12.40 -12.36 20.29
C3' ADP C . 13.57 -14.07 19.22
O3' ADP C . 14.82 -14.77 19.36
C2' ADP C . 12.38 -14.67 20.01
O2' ADP C . 12.77 -15.35 21.21
C1' ADP C . 11.54 -13.47 20.42
N9 ADP C . 10.33 -13.23 19.50
C8 ADP C . 10.00 -13.89 18.33
N7 ADP C . 8.88 -13.43 17.79
C5 ADP C . 8.48 -12.44 18.64
C6 ADP C . 7.33 -11.57 18.61
N6 ADP C . 6.42 -11.55 17.70
N1 ADP C . 7.26 -10.68 19.67
C2 ADP C . 8.21 -10.63 20.69
N3 ADP C . 9.28 -11.44 20.73
C4 ADP C . 9.37 -12.32 19.70
C11 BTN D . 14.79 -8.32 17.02
O11 BTN D . 15.93 -8.80 17.17
O12 BTN D . 13.91 -8.34 17.95
C10 BTN D . 14.39 -7.72 15.71
C9 BTN D . 13.12 -8.27 15.13
C8 BTN D . 12.73 -7.56 13.86
C7 BTN D . 11.45 -8.09 13.25
C2 BTN D . 11.05 -7.38 11.96
S1 BTN D . 9.45 -7.87 11.34
C6 BTN D . 9.76 -6.78 9.93
C5 BTN D . 11.19 -7.18 9.51
N1 BTN D . 11.22 -8.41 8.69
C3 BTN D . 11.93 -9.37 9.31
O3 BTN D . 12.14 -10.68 8.80
N2 BTN D . 12.41 -8.93 10.51
C4 BTN D . 12.03 -7.57 10.76
PB ADP E . -14.26 10.69 -23.34
O1B ADP E . -14.73 11.57 -22.34
O2B ADP E . -15.42 10.00 -24.02
O3B ADP E . -13.23 11.43 -24.24
PA ADP E . -12.08 8.83 -22.80
O1A ADP E . -12.43 7.42 -22.46
O2A ADP E . -11.37 8.98 -24.07
O3A ADP E . -13.55 9.46 -22.70
O5' ADP E . -11.37 9.39 -21.51
C5' ADP E . -10.73 10.77 -21.42
C4' ADP E . -11.61 12.02 -21.33
O4' ADP E . -12.32 12.05 -20.06
C3' ADP E . -10.81 13.33 -21.35
O3' ADP E . -10.50 13.68 -22.71
C2' ADP E . -11.72 14.28 -20.57
O2' ADP E . -12.70 14.95 -21.39
C1' ADP E . -12.43 13.38 -19.54
N9 ADP E . -11.80 13.41 -18.16
C8 ADP E . -10.51 13.68 -17.81
N7 ADP E . -10.28 13.60 -16.48
C5 ADP E . -11.49 13.28 -15.97
C6 ADP E . -11.93 13.04 -14.60
N6 ADP E . -11.19 13.11 -13.55
N1 ADP E . -13.27 12.73 -14.48
C2 ADP E . -14.14 12.63 -15.57
N3 ADP E . -13.76 12.84 -16.83
C4 ADP E . -12.45 13.15 -16.99
C11 BTN F . -10.80 6.78 -20.05
O11 BTN F . -10.27 7.04 -21.14
O12 BTN F . -11.93 7.27 -19.70
C10 BTN F . -10.13 5.89 -19.08
C9 BTN F . -9.47 6.62 -17.98
C8 BTN F . -8.62 5.71 -17.16
C7 BTN F . -7.95 6.45 -16.05
C2 BTN F . -7.08 5.57 -15.18
S1 BTN F . -6.46 6.44 -13.76
C6 BTN F . -5.54 4.95 -13.34
C5 BTN F . -4.88 4.59 -14.68
N1 BTN F . -3.66 5.36 -14.94
C3 BTN F . -3.80 6.09 -16.07
O3 BTN F . -2.81 6.97 -16.61
N2 BTN F . -5.04 5.89 -16.65
C4 BTN F . -5.82 4.95 -15.87
#